data_4W4L
#
_entry.id   4W4L
#
_cell.length_a   138.640
_cell.length_b   138.640
_cell.length_c   169.680
_cell.angle_alpha   90.00
_cell.angle_beta   90.00
_cell.angle_gamma   120.00
#
_symmetry.space_group_name_H-M   'P 61 2 2'
#
loop_
_entity.id
_entity.type
_entity.pdbx_description
1 polymer 'PE family protein PE25'
2 polymer 'PPE family protein PPE41'
3 polymer EspG5
4 non-polymer 1,2-ETHANEDIOL
5 water water
#
loop_
_entity_poly.entity_id
_entity_poly.type
_entity_poly.pdbx_seq_one_letter_code
_entity_poly.pdbx_strand_id
1 'polypeptide(L)'
;MSFVITNPEALTVAATEVRRIRDRAIQSDAQVAPMTTAVRPPAADLVSEKAATFLVEYARKYRQTIAAAAVVLEEFAHAL
TTGADKYATAEADNIKTFSSGETHHHHHH
;
A
2 'polypeptide(L)'
;MHFEAYPPEVNSANIYAGPGPDSMLAAARAWRSLDVEMTAVQRSFNRTLLSLMDAWAGPVVMQLMEAAKPFVRWLTDLCV
QLSEVERQIHEIVRAYEWAHHDMVPLAQIYNNRAERQILIDNNALGQFTAQIADLDQEYDDFWDEDGEVMRDYRLRVSDA
LSKLTPWKAPPPIA
;
B
3 'polypeptide(L)'
;MDQQSTRTDITVNVDGFWMLQALLDIRHVAPELRCRPYVSTDSNDWLNEHPGMAVMREQGIVVNDAVNEQVAARMKVLAA
PDLEVVALLSRGKLLYGVIDDENQPPGSRDIPDNEFRVVLARRGQHWVSAVRVGNDITVDDVTVSDSASIAALVMDGLES
IHHADPAAINAVNVPMEEMLEATKSWQESGFNVFSGGDLRRMGISAATVAALGQALSDPAAEVAVYARQYRDDAKGPSAS
VLSLKDGSGGRIALYQQARTAGSGEAWLAICPATPQLVQVGVKTVLDTLPYGEWKTHSRVSSGGGSGGGSGGGS
;
C
#
loop_
_chem_comp.id
_chem_comp.type
_chem_comp.name
_chem_comp.formula
EDO non-polymer 1,2-ETHANEDIOL 'C2 H6 O2'
#
# COMPACT_ATOMS: atom_id res chain seq x y z
N ASN A 7 3.80 -70.14 14.14
CA ASN A 7 4.64 -69.54 15.16
C ASN A 7 3.91 -68.40 15.89
N PRO A 8 3.15 -68.74 16.95
CA PRO A 8 2.35 -67.79 17.72
C PRO A 8 3.18 -66.75 18.47
N GLU A 9 4.30 -67.20 19.03
CA GLU A 9 5.15 -66.33 19.84
C GLU A 9 5.68 -65.17 19.03
N ALA A 10 5.85 -65.38 17.72
CA ALA A 10 6.27 -64.34 16.81
C ALA A 10 5.19 -63.25 16.69
N LEU A 11 3.94 -63.69 16.59
CA LEU A 11 2.83 -62.75 16.53
C LEU A 11 2.71 -61.98 17.84
N THR A 12 2.96 -62.67 18.96
CA THR A 12 2.96 -62.01 20.26
C THR A 12 4.02 -60.90 20.31
N VAL A 13 5.26 -61.27 19.98
CA VAL A 13 6.37 -60.32 19.92
C VAL A 13 6.04 -59.12 19.05
N ALA A 14 5.53 -59.39 17.85
CA ALA A 14 5.19 -58.35 16.90
C ALA A 14 4.11 -57.43 17.45
N ALA A 15 3.15 -57.99 18.16
CA ALA A 15 2.08 -57.21 18.79
C ALA A 15 2.69 -56.27 19.83
N THR A 16 3.58 -56.82 20.66
CA THR A 16 4.27 -56.01 21.66
C THR A 16 5.00 -54.83 21.01
N GLU A 17 5.77 -55.13 19.96
CA GLU A 17 6.54 -54.09 19.26
C GLU A 17 5.62 -53.03 18.65
N VAL A 18 4.50 -53.47 18.08
CA VAL A 18 3.55 -52.55 17.49
C VAL A 18 3.00 -51.61 18.54
N ARG A 19 2.64 -52.16 19.70
CA ARG A 19 2.14 -51.32 20.79
C ARG A 19 3.21 -50.33 21.26
N ARG A 20 4.46 -50.77 21.37
CA ARG A 20 5.55 -49.87 21.70
C ARG A 20 5.62 -48.70 20.71
N ILE A 21 5.62 -49.04 19.43
CA ILE A 21 5.63 -48.05 18.36
C ILE A 21 4.48 -47.03 18.51
N ARG A 22 3.28 -47.55 18.76
N ARG A 22 3.29 -47.55 18.77
CA ARG A 22 2.11 -46.72 19.04
CA ARG A 22 2.11 -46.72 19.03
C ARG A 22 2.37 -45.75 20.18
C ARG A 22 2.36 -45.74 20.18
N ASP A 23 2.90 -46.26 21.28
CA ASP A 23 3.20 -45.45 22.44
C ASP A 23 4.19 -44.35 22.10
N ARG A 24 5.18 -44.66 21.25
CA ARG A 24 6.15 -43.67 20.83
C ARG A 24 5.47 -42.55 20.01
N ALA A 25 4.64 -42.95 19.06
CA ALA A 25 3.93 -41.96 18.24
C ALA A 25 3.07 -41.03 19.10
N ILE A 26 2.29 -41.63 20.00
CA ILE A 26 1.43 -40.87 20.91
C ILE A 26 2.24 -39.92 21.78
N GLN A 27 3.34 -40.43 22.34
CA GLN A 27 4.17 -39.63 23.23
C GLN A 27 4.79 -38.44 22.51
N SER A 28 5.25 -38.67 21.28
CA SER A 28 5.89 -37.60 20.53
C SER A 28 4.86 -36.54 20.13
N ASP A 29 3.68 -36.98 19.70
CA ASP A 29 2.57 -36.05 19.44
C ASP A 29 2.30 -35.18 20.67
N ALA A 30 2.13 -35.83 21.81
CA ALA A 30 1.75 -35.15 23.03
C ALA A 30 2.80 -34.16 23.51
N GLN A 31 4.07 -34.55 23.52
CA GLN A 31 5.04 -33.69 24.20
C GLN A 31 5.37 -32.41 23.42
N VAL A 32 5.28 -32.43 22.10
CA VAL A 32 5.46 -31.20 21.34
C VAL A 32 4.16 -30.50 20.93
N ALA A 33 3.01 -31.11 21.23
CA ALA A 33 1.72 -30.43 20.98
C ALA A 33 1.64 -28.99 21.54
N PRO A 34 2.15 -28.74 22.78
CA PRO A 34 2.06 -27.36 23.26
C PRO A 34 2.80 -26.34 22.40
N MET A 35 3.87 -26.76 21.72
CA MET A 35 4.64 -25.83 20.90
C MET A 35 4.01 -25.58 19.53
N THR A 36 3.49 -26.63 18.90
CA THR A 36 2.97 -26.51 17.55
C THR A 36 1.67 -25.74 17.49
N THR A 37 0.88 -25.84 18.55
CA THR A 37 -0.43 -25.21 18.59
C THR A 37 -0.41 -23.82 19.25
N ALA A 38 0.76 -23.39 19.70
CA ALA A 38 0.89 -22.10 20.39
C ALA A 38 1.31 -20.95 19.49
N VAL A 39 1.44 -21.22 18.20
CA VAL A 39 1.92 -20.23 17.24
C VAL A 39 1.12 -18.95 17.26
N ARG A 40 1.81 -17.82 17.35
CA ARG A 40 1.15 -16.52 17.31
C ARG A 40 1.57 -15.79 16.05
N PRO A 41 0.71 -14.91 15.54
CA PRO A 41 1.17 -14.12 14.41
C PRO A 41 2.28 -13.17 14.85
N PRO A 42 3.40 -13.14 14.09
CA PRO A 42 4.56 -12.31 14.42
C PRO A 42 4.21 -10.82 14.47
N ALA A 43 3.29 -10.38 13.62
CA ALA A 43 2.81 -8.99 13.62
C ALA A 43 1.29 -8.95 13.59
N ALA A 44 0.71 -7.75 13.45
CA ALA A 44 -0.75 -7.62 13.49
C ALA A 44 -1.40 -7.63 12.10
N ASP A 45 -0.58 -7.75 11.07
CA ASP A 45 -1.07 -7.74 9.68
C ASP A 45 -1.84 -9.02 9.34
N LEU A 46 -2.63 -8.96 8.28
CA LEU A 46 -3.45 -10.10 7.84
C LEU A 46 -2.63 -11.30 7.38
N VAL A 47 -1.47 -11.07 6.79
CA VAL A 47 -0.64 -12.16 6.30
C VAL A 47 -0.09 -13.00 7.46
N SER A 48 0.48 -12.31 8.45
CA SER A 48 0.96 -12.97 9.67
C SER A 48 -0.14 -13.80 10.32
N GLU A 49 -1.35 -13.21 10.38
CA GLU A 49 -2.49 -13.89 10.99
C GLU A 49 -2.82 -15.14 10.20
N LYS A 50 -2.87 -15.02 8.88
CA LYS A 50 -3.17 -16.15 8.02
C LYS A 50 -2.18 -17.29 8.24
N ALA A 51 -0.89 -16.96 8.32
CA ALA A 51 0.14 -17.97 8.53
C ALA A 51 0.00 -18.65 9.89
N ALA A 52 -0.14 -17.86 10.95
CA ALA A 52 -0.27 -18.41 12.30
C ALA A 52 -1.50 -19.32 12.42
N THR A 53 -2.63 -18.85 11.90
CA THR A 53 -3.87 -19.61 11.96
C THR A 53 -3.74 -20.92 11.20
N PHE A 54 -3.17 -20.82 10.00
CA PHE A 54 -2.94 -22.01 9.19
C PHE A 54 -2.10 -23.01 9.96
N LEU A 55 -1.00 -22.57 10.55
CA LEU A 55 -0.09 -23.49 11.25
C LEU A 55 -0.75 -24.10 12.49
N VAL A 56 -1.56 -23.32 13.20
CA VAL A 56 -2.25 -23.88 14.36
C VAL A 56 -3.24 -24.98 13.92
N GLU A 57 -4.03 -24.68 12.89
N GLU A 57 -4.02 -24.69 12.89
CA GLU A 57 -4.99 -25.63 12.35
CA GLU A 57 -4.99 -25.66 12.41
C GLU A 57 -4.28 -26.88 11.83
C GLU A 57 -4.29 -26.90 11.84
N TYR A 58 -3.13 -26.68 11.21
CA TYR A 58 -2.32 -27.75 10.66
C TYR A 58 -1.82 -28.67 11.78
N ALA A 59 -1.33 -28.06 12.86
CA ALA A 59 -0.97 -28.78 14.07
C ALA A 59 -2.12 -29.64 14.60
N ARG A 60 -3.29 -29.01 14.77
N ARG A 60 -3.29 -29.03 14.77
CA ARG A 60 -4.45 -29.70 15.33
CA ARG A 60 -4.42 -29.74 15.36
C ARG A 60 -4.86 -30.89 14.47
C ARG A 60 -4.89 -30.90 14.47
N LYS A 61 -4.92 -30.66 13.16
CA LYS A 61 -5.30 -31.70 12.22
C LYS A 61 -4.28 -32.84 12.25
N TYR A 62 -3.02 -32.48 12.39
CA TYR A 62 -1.98 -33.50 12.56
C TYR A 62 -2.26 -34.35 13.79
N ARG A 63 -2.57 -33.71 14.92
CA ARG A 63 -2.90 -34.44 16.13
C ARG A 63 -4.05 -35.42 15.90
N GLN A 64 -5.10 -34.96 15.22
CA GLN A 64 -6.20 -35.86 14.88
C GLN A 64 -5.71 -37.07 14.07
N THR A 65 -4.88 -36.79 13.08
CA THR A 65 -4.32 -37.84 12.22
C THR A 65 -3.56 -38.88 13.04
N ILE A 66 -2.81 -38.40 14.02
CA ILE A 66 -2.02 -39.28 14.87
C ILE A 66 -2.92 -40.13 15.73
N ALA A 67 -3.98 -39.53 16.27
CA ALA A 67 -4.96 -40.29 17.04
C ALA A 67 -5.54 -41.43 16.20
N ALA A 68 -5.89 -41.12 14.96
CA ALA A 68 -6.45 -42.13 14.08
C ALA A 68 -5.43 -43.25 13.82
N ALA A 69 -4.19 -42.86 13.57
CA ALA A 69 -3.12 -43.83 13.35
C ALA A 69 -2.90 -44.73 14.57
N ALA A 70 -3.05 -44.17 15.77
CA ALA A 70 -2.94 -44.94 17.00
C ALA A 70 -4.07 -45.94 17.09
N VAL A 71 -5.28 -45.53 16.69
CA VAL A 71 -6.40 -46.47 16.67
C VAL A 71 -6.08 -47.65 15.73
N VAL A 72 -5.63 -47.32 14.52
CA VAL A 72 -5.28 -48.35 13.54
C VAL A 72 -4.21 -49.32 14.08
N LEU A 73 -3.17 -48.76 14.67
CA LEU A 73 -2.09 -49.58 15.24
C LEU A 73 -2.59 -50.49 16.35
N GLU A 74 -3.39 -49.94 17.27
CA GLU A 74 -3.91 -50.73 18.38
C GLU A 74 -4.78 -51.87 17.86
N GLU A 75 -5.57 -51.60 16.83
CA GLU A 75 -6.38 -52.67 16.24
C GLU A 75 -5.48 -53.72 15.59
N PHE A 76 -4.39 -53.28 14.97
CA PHE A 76 -3.45 -54.21 14.36
C PHE A 76 -2.82 -55.14 15.41
N ALA A 77 -2.39 -54.56 16.52
CA ALA A 77 -1.80 -55.32 17.63
C ALA A 77 -2.82 -56.29 18.22
N HIS A 78 -4.06 -55.83 18.35
CA HIS A 78 -5.12 -56.70 18.84
C HIS A 78 -5.27 -57.90 17.92
N ALA A 79 -5.26 -57.64 16.61
CA ALA A 79 -5.36 -58.69 15.61
C ALA A 79 -4.22 -59.69 15.72
N LEU A 80 -3.01 -59.18 15.90
CA LEU A 80 -1.83 -60.03 16.07
C LEU A 80 -1.98 -60.93 17.30
N THR A 81 -2.43 -60.35 18.40
CA THR A 81 -2.66 -61.12 19.62
C THR A 81 -3.70 -62.22 19.38
N THR A 82 -4.77 -61.87 18.70
CA THR A 82 -5.84 -62.83 18.38
C THR A 82 -5.31 -63.99 17.54
N GLY A 83 -4.55 -63.68 16.50
CA GLY A 83 -3.93 -64.70 15.67
C GLY A 83 -3.01 -65.58 16.48
N ALA A 84 -2.29 -64.95 17.42
CA ALA A 84 -1.37 -65.67 18.29
C ALA A 84 -2.10 -66.69 19.16
N ASP A 85 -3.20 -66.27 19.78
CA ASP A 85 -4.00 -67.17 20.61
C ASP A 85 -4.59 -68.30 19.77
N LYS A 86 -5.15 -67.93 18.63
CA LYS A 86 -5.73 -68.89 17.70
C LYS A 86 -4.75 -69.98 17.27
N TYR A 87 -3.54 -69.58 16.90
CA TYR A 87 -2.53 -70.54 16.46
C TYR A 87 -1.83 -71.28 17.61
N ALA A 88 -1.86 -70.68 18.80
CA ALA A 88 -1.25 -71.31 19.97
C ALA A 88 -2.14 -72.42 20.51
N THR A 89 -3.45 -72.20 20.46
CA THR A 89 -4.41 -73.23 20.87
C THR A 89 -4.35 -74.42 19.92
N ALA A 90 -3.97 -74.16 18.68
CA ALA A 90 -3.83 -75.22 17.67
C ALA A 90 -2.47 -75.92 17.78
N MET B 1 -4.91 -10.02 -0.84
N MET B 1 -5.84 -9.93 -2.36
CA MET B 1 -5.74 -8.93 -1.32
CA MET B 1 -5.68 -8.94 -1.30
C MET B 1 -4.89 -7.77 -1.82
C MET B 1 -4.86 -7.76 -1.77
N HIS B 2 -5.47 -6.58 -1.83
CA HIS B 2 -4.73 -5.36 -2.17
C HIS B 2 -4.51 -4.53 -0.91
N PHE B 3 -3.27 -4.49 -0.44
CA PHE B 3 -2.98 -3.80 0.82
C PHE B 3 -2.78 -2.30 0.62
N GLU B 4 -2.72 -1.86 -0.63
CA GLU B 4 -2.69 -0.43 -0.93
C GLU B 4 -4.06 0.19 -0.69
N ALA B 5 -5.05 -0.63 -0.38
CA ALA B 5 -6.33 -0.13 0.10
C ALA B 5 -6.14 0.63 1.42
N TYR B 6 -5.00 0.42 2.06
CA TYR B 6 -4.74 1.01 3.37
C TYR B 6 -3.55 1.96 3.31
N PRO B 7 -3.57 3.01 4.13
CA PRO B 7 -2.50 4.02 4.22
C PRO B 7 -1.23 3.47 4.88
N PRO B 8 -0.08 4.14 4.65
CA PRO B 8 1.20 3.74 5.23
C PRO B 8 1.15 3.55 6.76
N GLU B 9 0.39 4.39 7.46
CA GLU B 9 0.29 4.28 8.92
C GLU B 9 -0.19 2.89 9.34
N VAL B 10 -1.18 2.38 8.61
CA VAL B 10 -1.74 1.07 8.89
C VAL B 10 -0.78 -0.08 8.57
N ASN B 11 -0.22 -0.10 7.37
CA ASN B 11 0.67 -1.20 6.97
C ASN B 11 1.95 -1.23 7.80
N SER B 12 2.54 -0.05 8.00
CA SER B 12 3.74 0.06 8.82
C SER B 12 3.48 -0.30 10.29
N ALA B 13 2.49 0.35 10.90
CA ALA B 13 2.19 0.03 12.30
C ALA B 13 1.89 -1.46 12.47
N ASN B 14 1.10 -2.01 11.55
CA ASN B 14 0.77 -3.43 11.59
C ASN B 14 2.00 -4.31 11.55
N ILE B 15 2.91 -4.07 10.62
CA ILE B 15 4.07 -4.96 10.54
C ILE B 15 5.01 -4.75 11.72
N TYR B 16 5.01 -3.57 12.32
CA TYR B 16 5.94 -3.28 13.42
C TYR B 16 5.42 -3.69 14.80
N ALA B 17 4.14 -3.98 14.90
CA ALA B 17 3.58 -4.42 16.18
C ALA B 17 3.63 -5.92 16.28
N GLY B 18 3.21 -6.48 17.41
CA GLY B 18 3.17 -7.92 17.56
C GLY B 18 4.35 -8.49 18.31
N PRO B 19 4.24 -9.75 18.77
CA PRO B 19 5.19 -10.48 19.60
C PRO B 19 6.49 -10.87 18.90
N GLY B 20 6.47 -10.93 17.58
CA GLY B 20 7.64 -11.37 16.83
C GLY B 20 7.58 -12.84 16.43
N PRO B 21 8.61 -13.31 15.70
CA PRO B 21 8.73 -14.65 15.13
C PRO B 21 8.94 -15.79 16.13
N ASP B 22 9.30 -15.50 17.38
CA ASP B 22 9.73 -16.55 18.32
C ASP B 22 8.84 -17.79 18.37
N SER B 23 7.53 -17.59 18.52
CA SER B 23 6.61 -18.70 18.69
C SER B 23 6.57 -19.57 17.44
N MET B 24 6.82 -18.96 16.29
CA MET B 24 6.98 -19.72 15.06
C MET B 24 8.24 -20.56 15.12
N LEU B 25 9.36 -19.93 15.49
CA LEU B 25 10.63 -20.62 15.58
C LEU B 25 10.53 -21.85 16.50
N ALA B 26 9.94 -21.64 17.68
CA ALA B 26 9.69 -22.74 18.61
C ALA B 26 8.92 -23.85 17.91
N ALA B 27 7.85 -23.46 17.23
CA ALA B 27 7.03 -24.44 16.52
C ALA B 27 7.89 -25.21 15.52
N ALA B 28 8.76 -24.49 14.82
CA ALA B 28 9.66 -25.13 13.86
C ALA B 28 10.44 -26.23 14.57
N ARG B 29 11.03 -25.89 15.71
CA ARG B 29 11.81 -26.85 16.49
C ARG B 29 10.94 -28.06 16.76
N ALA B 30 9.72 -27.80 17.22
CA ALA B 30 8.83 -28.90 17.61
C ALA B 30 8.60 -29.77 16.40
N TRP B 31 8.32 -29.14 15.26
CA TRP B 31 7.97 -29.91 14.08
C TRP B 31 9.15 -30.76 13.65
N ARG B 32 10.36 -30.29 13.94
N ARG B 32 10.37 -30.31 13.95
CA ARG B 32 11.56 -31.05 13.59
CA ARG B 32 11.55 -31.07 13.57
C ARG B 32 11.61 -32.33 14.43
C ARG B 32 11.64 -32.33 14.44
N SER B 33 11.35 -32.19 15.73
CA SER B 33 11.38 -33.33 16.64
C SER B 33 10.39 -34.38 16.14
N LEU B 34 9.19 -33.92 15.81
N LEU B 34 9.17 -33.94 15.85
CA LEU B 34 8.13 -34.75 15.24
CA LEU B 34 8.19 -34.82 15.27
C LEU B 34 8.56 -35.44 13.95
C LEU B 34 8.80 -35.54 14.08
N ASP B 35 9.38 -34.76 13.16
CA ASP B 35 9.91 -35.31 11.93
C ASP B 35 10.88 -36.44 12.27
N VAL B 36 11.69 -36.23 13.30
CA VAL B 36 12.65 -37.25 13.71
C VAL B 36 11.93 -38.49 14.23
N GLU B 37 11.07 -38.27 15.24
CA GLU B 37 10.46 -39.37 15.99
C GLU B 37 9.67 -40.28 15.08
N MET B 38 8.85 -39.66 14.24
CA MET B 38 7.99 -40.42 13.35
C MET B 38 8.82 -41.17 12.34
N THR B 39 9.94 -40.58 11.91
CA THR B 39 10.83 -41.33 11.01
C THR B 39 11.26 -42.59 11.74
N ALA B 40 11.69 -42.43 13.00
CA ALA B 40 12.09 -43.60 13.78
C ALA B 40 10.91 -44.57 13.82
N VAL B 41 9.72 -44.01 14.04
CA VAL B 41 8.53 -44.85 14.17
C VAL B 41 8.42 -45.68 12.90
N GLN B 42 8.56 -44.99 11.76
CA GLN B 42 8.44 -45.65 10.48
C GLN B 42 9.45 -46.78 10.42
N ARG B 43 10.69 -46.46 10.77
CA ARG B 43 11.77 -47.43 10.66
C ARG B 43 11.52 -48.62 11.56
N SER B 44 10.89 -48.38 12.70
CA SER B 44 10.67 -49.49 13.60
C SER B 44 9.58 -50.36 13.00
N PHE B 45 8.55 -49.71 12.47
CA PHE B 45 7.40 -50.46 12.00
C PHE B 45 7.87 -51.44 10.96
N ASN B 46 8.52 -50.91 9.92
N ASN B 46 8.55 -50.91 9.95
CA ASN B 46 9.01 -51.74 8.84
CA ASN B 46 9.13 -51.73 8.90
C ASN B 46 10.00 -52.81 9.30
C ASN B 46 9.90 -52.90 9.49
N ARG B 47 10.73 -52.55 10.39
N ARG B 47 10.83 -52.59 10.39
CA ARG B 47 11.60 -53.58 10.96
CA ARG B 47 11.65 -53.62 11.04
C ARG B 47 10.75 -54.70 11.55
C ARG B 47 10.77 -54.72 11.60
N THR B 48 9.76 -54.32 12.35
CA THR B 48 8.86 -55.26 12.99
C THR B 48 8.23 -56.17 11.94
N LEU B 49 7.68 -55.56 10.90
CA LEU B 49 7.10 -56.32 9.80
C LEU B 49 8.12 -57.33 9.30
N LEU B 50 9.32 -56.85 9.00
CA LEU B 50 10.32 -57.72 8.42
C LEU B 50 10.61 -58.86 9.39
N SER B 51 10.68 -58.53 10.67
CA SER B 51 10.98 -59.54 11.67
C SER B 51 9.94 -60.64 11.57
N LEU B 52 8.68 -60.24 11.48
CA LEU B 52 7.60 -61.20 11.39
C LEU B 52 7.80 -62.05 10.15
N MET B 53 8.10 -61.39 9.03
CA MET B 53 8.29 -62.07 7.77
C MET B 53 9.43 -63.07 7.88
N ASP B 54 10.41 -62.75 8.74
CA ASP B 54 11.55 -63.63 8.92
C ASP B 54 11.22 -64.79 9.85
N ALA B 55 10.34 -64.55 10.82
CA ALA B 55 10.08 -65.54 11.87
C ALA B 55 9.18 -66.68 11.40
N TRP B 56 8.16 -66.35 10.62
CA TRP B 56 7.23 -67.35 10.13
C TRP B 56 7.41 -67.58 8.62
N ALA B 57 7.16 -66.52 7.85
CA ALA B 57 7.28 -66.55 6.39
C ALA B 57 6.27 -67.52 5.78
N GLY B 58 5.15 -67.71 6.48
CA GLY B 58 4.05 -68.49 5.95
C GLY B 58 3.10 -67.60 5.19
N PRO B 59 2.16 -68.20 4.44
CA PRO B 59 1.14 -67.46 3.68
C PRO B 59 0.34 -66.48 4.54
N VAL B 60 0.14 -66.82 5.80
CA VAL B 60 -0.59 -65.95 6.73
C VAL B 60 0.13 -64.61 6.92
N VAL B 61 1.44 -64.69 7.13
CA VAL B 61 2.26 -63.50 7.34
C VAL B 61 2.31 -62.65 6.09
N MET B 62 2.40 -63.29 4.92
CA MET B 62 2.39 -62.56 3.66
C MET B 62 1.05 -61.85 3.47
N GLN B 63 -0.02 -62.52 3.87
CA GLN B 63 -1.35 -61.90 3.88
C GLN B 63 -1.35 -60.67 4.76
N LEU B 64 -0.74 -60.78 5.94
CA LEU B 64 -0.63 -59.63 6.83
C LEU B 64 0.14 -58.48 6.19
N MET B 65 1.23 -58.81 5.49
CA MET B 65 2.03 -57.81 4.80
C MET B 65 1.21 -57.07 3.76
N GLU B 66 0.52 -57.83 2.91
CA GLU B 66 -0.37 -57.23 1.91
C GLU B 66 -1.41 -56.33 2.58
N ALA B 67 -1.92 -56.78 3.72
CA ALA B 67 -2.94 -56.03 4.44
C ALA B 67 -2.39 -54.71 4.99
N ALA B 68 -1.14 -54.72 5.43
CA ALA B 68 -0.55 -53.56 6.08
C ALA B 68 0.16 -52.62 5.11
N LYS B 69 0.27 -53.05 3.85
CA LYS B 69 0.93 -52.23 2.83
C LYS B 69 0.42 -50.78 2.72
N PRO B 70 -0.92 -50.57 2.63
CA PRO B 70 -1.38 -49.18 2.49
C PRO B 70 -1.02 -48.30 3.69
N PHE B 71 -1.00 -48.89 4.89
CA PHE B 71 -0.61 -48.16 6.07
C PHE B 71 0.89 -47.84 6.05
N VAL B 72 1.70 -48.75 5.52
CA VAL B 72 3.12 -48.51 5.40
C VAL B 72 3.38 -47.32 4.46
N ARG B 73 2.76 -47.38 3.28
CA ARG B 73 2.81 -46.27 2.33
C ARG B 73 2.39 -44.96 3.01
N TRP B 74 1.27 -45.02 3.71
CA TRP B 74 0.73 -43.85 4.39
C TRP B 74 1.72 -43.27 5.40
N LEU B 75 2.39 -44.14 6.15
CA LEU B 75 3.34 -43.71 7.17
C LEU B 75 4.55 -43.04 6.53
N THR B 76 5.02 -43.64 5.43
CA THR B 76 6.08 -43.04 4.63
C THR B 76 5.70 -41.61 4.18
N ASP B 77 4.55 -41.49 3.54
CA ASP B 77 4.07 -40.19 3.06
C ASP B 77 3.97 -39.18 4.20
N LEU B 78 3.48 -39.65 5.34
CA LEU B 78 3.40 -38.83 6.53
C LEU B 78 4.76 -38.26 6.91
N CYS B 79 5.78 -39.11 6.91
CA CYS B 79 7.13 -38.61 7.22
C CYS B 79 7.61 -37.59 6.18
N VAL B 80 7.35 -37.88 4.91
CA VAL B 80 7.72 -36.92 3.86
C VAL B 80 7.08 -35.55 4.11
N GLN B 81 5.79 -35.52 4.41
CA GLN B 81 5.11 -34.27 4.74
C GLN B 81 5.69 -33.59 5.97
N LEU B 82 5.95 -34.38 7.00
CA LEU B 82 6.54 -33.85 8.23
C LEU B 82 7.86 -33.13 7.96
N SER B 83 8.69 -33.69 7.08
CA SER B 83 9.99 -33.07 6.82
C SER B 83 9.89 -31.65 6.25
N GLU B 84 8.74 -31.32 5.66
CA GLU B 84 8.52 -30.04 4.99
C GLU B 84 8.18 -28.87 5.94
N VAL B 85 7.58 -29.20 7.07
CA VAL B 85 6.97 -28.17 7.92
C VAL B 85 7.97 -27.16 8.47
N GLU B 86 9.09 -27.65 9.02
N GLU B 86 9.07 -27.65 9.02
CA GLU B 86 10.12 -26.77 9.56
CA GLU B 86 10.13 -26.78 9.55
C GLU B 86 10.66 -25.85 8.47
C GLU B 86 10.66 -25.85 8.47
N ARG B 87 10.95 -26.43 7.31
CA ARG B 87 11.42 -25.69 6.15
C ARG B 87 10.49 -24.52 5.81
N GLN B 88 9.21 -24.83 5.70
CA GLN B 88 8.27 -23.80 5.29
C GLN B 88 8.05 -22.75 6.38
N ILE B 89 8.06 -23.18 7.63
CA ILE B 89 7.94 -22.21 8.72
C ILE B 89 9.10 -21.23 8.67
N HIS B 90 10.30 -21.73 8.44
CA HIS B 90 11.45 -20.84 8.37
C HIS B 90 11.38 -19.92 7.15
N GLU B 91 10.84 -20.44 6.05
CA GLU B 91 10.62 -19.58 4.88
C GLU B 91 9.69 -18.42 5.24
N ILE B 92 8.64 -18.74 5.98
CA ILE B 92 7.67 -17.75 6.43
C ILE B 92 8.27 -16.71 7.39
N VAL B 93 9.04 -17.17 8.37
CA VAL B 93 9.70 -16.25 9.30
C VAL B 93 10.65 -15.32 8.54
N ARG B 94 11.34 -15.88 7.56
CA ARG B 94 12.18 -15.07 6.67
C ARG B 94 11.35 -13.99 5.98
N ALA B 95 10.24 -14.40 5.38
CA ALA B 95 9.35 -13.47 4.70
C ALA B 95 8.93 -12.34 5.62
N TYR B 96 8.63 -12.69 6.88
CA TYR B 96 8.25 -11.68 7.85
C TYR B 96 9.39 -10.73 8.16
N GLU B 97 10.60 -11.26 8.31
CA GLU B 97 11.75 -10.42 8.65
C GLU B 97 12.01 -9.42 7.52
N TRP B 98 11.85 -9.90 6.28
CA TRP B 98 12.05 -9.04 5.11
C TRP B 98 10.95 -7.99 4.97
N ALA B 99 9.72 -8.36 5.30
CA ALA B 99 8.62 -7.39 5.26
C ALA B 99 8.83 -6.32 6.34
N HIS B 100 9.26 -6.78 7.51
CA HIS B 100 9.50 -5.92 8.65
C HIS B 100 10.62 -4.93 8.33
N HIS B 101 11.61 -5.41 7.60
CA HIS B 101 12.76 -4.60 7.23
C HIS B 101 12.50 -3.63 6.09
N ASP B 102 11.73 -4.07 5.10
CA ASP B 102 11.52 -3.26 3.90
C ASP B 102 10.41 -2.24 4.06
N MET B 103 9.59 -2.40 5.09
CA MET B 103 8.48 -1.51 5.32
C MET B 103 9.00 -0.13 5.71
N VAL B 104 8.22 0.90 5.37
CA VAL B 104 8.58 2.27 5.70
C VAL B 104 8.36 2.52 7.19
N PRO B 105 9.43 2.90 7.91
CA PRO B 105 9.33 3.18 9.33
C PRO B 105 8.30 4.26 9.63
N LEU B 106 7.52 4.07 10.69
CA LEU B 106 6.48 5.04 11.07
C LEU B 106 7.03 6.45 11.19
N ALA B 107 8.22 6.58 11.75
CA ALA B 107 8.82 7.89 11.99
C ALA B 107 8.99 8.69 10.70
N GLN B 108 9.24 8.01 9.58
CA GLN B 108 9.40 8.71 8.31
C GLN B 108 8.06 9.28 7.85
N ILE B 109 7.00 8.51 8.06
CA ILE B 109 5.65 8.94 7.78
C ILE B 109 5.25 10.15 8.63
N TYR B 110 5.36 9.97 9.95
CA TYR B 110 5.11 11.04 10.91
C TYR B 110 5.87 12.30 10.55
N ASN B 111 7.14 12.14 10.23
CA ASN B 111 8.00 13.26 9.83
C ASN B 111 7.45 13.95 8.61
N ASN B 112 7.07 13.15 7.62
CA ASN B 112 6.45 13.70 6.42
C ASN B 112 5.26 14.59 6.76
N ARG B 113 4.30 14.04 7.52
CA ARG B 113 3.09 14.79 7.87
C ARG B 113 3.41 16.06 8.68
N ALA B 114 4.38 15.95 9.59
CA ALA B 114 4.76 17.06 10.46
C ALA B 114 5.37 18.21 9.66
N GLU B 115 6.27 17.86 8.74
CA GLU B 115 6.89 18.84 7.86
C GLU B 115 5.82 19.50 7.01
N ARG B 116 4.91 18.68 6.47
CA ARG B 116 3.80 19.20 5.69
C ARG B 116 3.01 20.25 6.48
N GLN B 117 2.68 19.93 7.73
CA GLN B 117 1.89 20.83 8.56
C GLN B 117 2.65 22.13 8.86
N ILE B 118 3.95 22.01 9.14
CA ILE B 118 4.78 23.20 9.32
C ILE B 118 4.74 24.09 8.09
N LEU B 119 4.83 23.50 6.90
CA LEU B 119 4.74 24.29 5.67
C LEU B 119 3.36 24.97 5.55
N ILE B 120 2.30 24.23 5.88
CA ILE B 120 0.95 24.77 5.85
C ILE B 120 0.83 26.02 6.73
N ASP B 121 1.29 25.91 7.98
CA ASP B 121 1.22 27.03 8.92
C ASP B 121 1.90 28.29 8.39
N ASN B 122 2.96 28.08 7.62
CA ASN B 122 3.77 29.17 7.06
C ASN B 122 3.38 29.57 5.64
N ASN B 123 2.28 29.01 5.13
CA ASN B 123 1.92 29.16 3.73
C ASN B 123 1.03 30.36 3.37
N ALA B 124 0.81 31.27 4.33
CA ALA B 124 -0.07 32.42 4.11
C ALA B 124 0.19 33.11 2.78
N LEU B 125 1.45 33.20 2.36
CA LEU B 125 1.79 33.83 1.08
C LEU B 125 1.74 32.84 -0.08
N GLY B 126 1.55 31.56 0.23
CA GLY B 126 1.33 30.55 -0.80
C GLY B 126 2.55 29.96 -1.48
N GLN B 127 3.74 30.41 -1.09
CA GLN B 127 4.95 30.03 -1.81
C GLN B 127 5.50 28.65 -1.44
N PHE B 128 4.94 28.02 -0.41
CA PHE B 128 5.37 26.68 -0.03
C PHE B 128 4.50 25.58 -0.64
N THR B 129 3.56 25.98 -1.48
CA THR B 129 2.51 25.08 -1.97
C THR B 129 3.06 23.88 -2.76
N ALA B 130 3.98 24.15 -3.67
CA ALA B 130 4.60 23.09 -4.46
C ALA B 130 5.35 22.10 -3.56
N GLN B 131 6.00 22.62 -2.53
CA GLN B 131 6.74 21.76 -1.60
C GLN B 131 5.77 20.86 -0.83
N ILE B 132 4.63 21.42 -0.46
CA ILE B 132 3.57 20.66 0.18
C ILE B 132 3.10 19.52 -0.71
N ALA B 133 2.91 19.85 -2.00
CA ALA B 133 2.55 18.83 -2.97
C ALA B 133 3.62 17.74 -3.07
N ASP B 134 4.90 18.15 -3.01
CA ASP B 134 6.01 17.20 -3.03
C ASP B 134 5.93 16.24 -1.85
N LEU B 135 5.68 16.80 -0.67
CA LEU B 135 5.54 15.99 0.53
C LEU B 135 4.38 15.01 0.39
N ASP B 136 3.30 15.47 -0.23
CA ASP B 136 2.17 14.58 -0.50
C ASP B 136 2.56 13.44 -1.45
N GLN B 137 3.39 13.75 -2.44
CA GLN B 137 3.86 12.70 -3.35
C GLN B 137 4.76 11.71 -2.62
N GLU B 138 5.58 12.19 -1.69
CA GLU B 138 6.42 11.32 -0.89
C GLU B 138 5.55 10.40 -0.05
N TYR B 139 4.49 10.95 0.54
CA TYR B 139 3.55 10.16 1.32
C TYR B 139 2.89 9.07 0.47
N ASP B 140 2.50 9.45 -0.75
CA ASP B 140 1.94 8.46 -1.68
C ASP B 140 2.96 7.39 -2.05
N ASP B 141 4.23 7.77 -2.06
CA ASP B 141 5.30 6.83 -2.34
C ASP B 141 5.46 5.85 -1.20
N PHE B 142 5.32 6.34 0.03
CA PHE B 142 5.30 5.45 1.20
C PHE B 142 4.14 4.47 1.07
N TRP B 143 2.98 5.00 0.70
CA TRP B 143 1.75 4.21 0.49
C TRP B 143 2.01 3.05 -0.48
N ASP B 144 2.52 3.41 -1.65
CA ASP B 144 2.84 2.44 -2.69
C ASP B 144 3.85 1.42 -2.19
N GLU B 145 4.92 1.90 -1.55
CA GLU B 145 6.02 1.04 -1.09
C GLU B 145 5.52 -0.02 -0.11
N ASP B 146 4.79 0.42 0.92
CA ASP B 146 4.16 -0.50 1.86
C ASP B 146 3.24 -1.48 1.13
N GLY B 147 2.54 -0.98 0.11
CA GLY B 147 1.75 -1.85 -0.75
C GLY B 147 2.56 -2.99 -1.35
N GLU B 148 3.68 -2.66 -1.97
CA GLU B 148 4.54 -3.64 -2.62
C GLU B 148 5.13 -4.64 -1.63
N VAL B 149 5.58 -4.12 -0.49
CA VAL B 149 6.13 -4.95 0.56
C VAL B 149 5.10 -5.97 1.03
N MET B 150 3.87 -5.51 1.29
CA MET B 150 2.83 -6.43 1.75
C MET B 150 2.45 -7.42 0.64
N ARG B 151 2.45 -6.98 -0.60
CA ARG B 151 2.24 -7.89 -1.72
C ARG B 151 3.25 -9.04 -1.70
N ASP B 152 4.54 -8.69 -1.65
CA ASP B 152 5.59 -9.71 -1.67
C ASP B 152 5.54 -10.62 -0.44
N TYR B 153 5.24 -10.03 0.71
CA TYR B 153 5.06 -10.79 1.95
C TYR B 153 3.97 -11.84 1.77
N ARG B 154 2.82 -11.38 1.26
N ARG B 154 2.82 -11.39 1.27
CA ARG B 154 1.69 -12.25 1.00
CA ARG B 154 1.70 -12.28 1.02
C ARG B 154 2.06 -13.39 0.07
C ARG B 154 2.09 -13.40 0.07
N LEU B 155 2.73 -13.05 -1.03
CA LEU B 155 3.12 -14.04 -2.03
C LEU B 155 4.06 -15.08 -1.45
N ARG B 156 5.06 -14.65 -0.70
CA ARG B 156 6.00 -15.60 -0.08
C ARG B 156 5.29 -16.54 0.88
N VAL B 157 4.45 -15.97 1.74
CA VAL B 157 3.74 -16.79 2.72
C VAL B 157 2.81 -17.79 2.03
N SER B 158 2.10 -17.31 1.02
CA SER B 158 1.21 -18.13 0.21
C SER B 158 1.95 -19.30 -0.44
N ASP B 159 3.09 -19.01 -1.06
CA ASP B 159 3.92 -20.04 -1.67
C ASP B 159 4.39 -21.05 -0.64
N ALA B 160 4.75 -20.58 0.56
CA ALA B 160 5.22 -21.50 1.60
C ALA B 160 4.10 -22.41 2.10
N LEU B 161 2.92 -21.84 2.34
CA LEU B 161 1.79 -22.60 2.85
C LEU B 161 1.28 -23.60 1.82
N SER B 162 1.37 -23.23 0.54
CA SER B 162 0.92 -24.11 -0.53
C SER B 162 1.70 -25.42 -0.53
N LYS B 163 2.89 -25.42 0.07
CA LYS B 163 3.72 -26.61 0.12
C LYS B 163 3.38 -27.51 1.30
N LEU B 164 2.57 -27.01 2.23
CA LEU B 164 2.13 -27.87 3.32
C LEU B 164 0.77 -28.46 2.92
N THR B 165 0.78 -29.74 2.59
CA THR B 165 -0.42 -30.38 2.05
C THR B 165 -1.26 -31.00 3.16
N PRO B 166 -2.57 -31.19 2.91
CA PRO B 166 -3.44 -31.70 3.97
C PRO B 166 -3.04 -33.06 4.51
N TRP B 167 -3.00 -33.19 5.83
CA TRP B 167 -2.90 -34.49 6.48
C TRP B 167 -4.06 -35.38 6.01
N LYS B 168 -3.75 -36.64 5.73
CA LYS B 168 -4.77 -37.60 5.33
C LYS B 168 -4.96 -38.66 6.40
N ALA B 169 -6.17 -39.20 6.50
CA ALA B 169 -6.46 -40.23 7.47
C ALA B 169 -5.69 -41.51 7.14
N PRO B 170 -5.18 -42.18 8.18
CA PRO B 170 -4.49 -43.45 7.96
C PRO B 170 -5.49 -44.53 7.54
N PRO B 171 -5.10 -45.40 6.62
CA PRO B 171 -5.95 -46.53 6.23
C PRO B 171 -5.91 -47.62 7.29
N PRO B 172 -6.97 -48.44 7.36
CA PRO B 172 -6.94 -49.56 8.32
C PRO B 172 -5.97 -50.62 7.86
N ILE B 173 -5.45 -51.41 8.80
CA ILE B 173 -4.63 -52.54 8.42
C ILE B 173 -5.52 -53.78 8.35
N ALA B 174 -5.73 -54.26 7.12
CA ALA B 174 -6.71 -55.29 6.82
C ALA B 174 -6.75 -55.57 5.32
N THR C 6 -20.04 15.11 -29.72
CA THR C 6 -20.56 16.24 -28.95
C THR C 6 -19.68 16.56 -27.75
N ARG C 7 -19.61 15.63 -26.79
CA ARG C 7 -18.81 15.83 -25.58
C ARG C 7 -17.88 14.66 -25.29
N THR C 8 -16.59 14.94 -25.16
CA THR C 8 -15.58 13.92 -24.91
C THR C 8 -15.18 13.77 -23.43
N ASP C 9 -15.83 14.53 -22.54
CA ASP C 9 -15.47 14.52 -21.13
C ASP C 9 -15.90 13.25 -20.40
N ILE C 10 -15.18 12.89 -19.35
CA ILE C 10 -15.45 11.67 -18.58
C ILE C 10 -15.45 12.00 -17.09
N THR C 11 -16.38 11.41 -16.34
CA THR C 11 -16.41 11.63 -14.88
C THR C 11 -16.47 10.31 -14.11
N VAL C 12 -15.56 10.13 -13.16
CA VAL C 12 -15.60 8.98 -12.27
C VAL C 12 -15.38 9.42 -10.84
N ASN C 13 -15.78 8.59 -9.87
CA ASN C 13 -15.39 8.86 -8.49
C ASN C 13 -13.98 8.33 -8.27
N VAL C 14 -13.48 8.43 -7.04
CA VAL C 14 -12.11 8.03 -6.73
C VAL C 14 -11.85 6.56 -7.08
N ASP C 15 -12.78 5.68 -6.71
CA ASP C 15 -12.62 4.26 -6.95
C ASP C 15 -12.67 3.92 -8.43
N GLY C 16 -13.50 4.64 -9.18
CA GLY C 16 -13.57 4.45 -10.61
C GLY C 16 -12.25 4.81 -11.26
N PHE C 17 -11.65 5.90 -10.79
CA PHE C 17 -10.34 6.32 -11.25
C PHE C 17 -9.31 5.23 -10.93
N TRP C 18 -9.44 4.64 -9.74
CA TRP C 18 -8.54 3.57 -9.34
C TRP C 18 -8.69 2.34 -10.25
N MET C 19 -9.91 2.07 -10.69
CA MET C 19 -10.16 0.95 -11.58
C MET C 19 -9.55 1.22 -12.94
N LEU C 20 -9.61 2.48 -13.38
CA LEU C 20 -8.94 2.87 -14.62
C LEU C 20 -7.43 2.66 -14.48
N GLN C 21 -6.87 3.10 -13.35
CA GLN C 21 -5.46 2.90 -13.07
C GLN C 21 -5.08 1.42 -13.14
N ALA C 22 -5.88 0.59 -12.47
CA ALA C 22 -5.64 -0.84 -12.42
C ALA C 22 -5.68 -1.47 -13.80
N LEU C 23 -6.67 -1.10 -14.61
CA LEU C 23 -6.80 -1.64 -15.95
C LEU C 23 -5.62 -1.22 -16.84
N LEU C 24 -5.21 0.03 -16.71
CA LEU C 24 -4.16 0.56 -17.56
C LEU C 24 -2.78 0.44 -16.92
N ASP C 25 -2.73 -0.19 -15.75
CA ASP C 25 -1.51 -0.32 -14.96
C ASP C 25 -0.82 1.03 -14.74
N ILE C 26 -1.49 1.90 -14.01
CA ILE C 26 -0.91 3.19 -13.62
C ILE C 26 -0.69 3.20 -12.11
N ARG C 27 0.56 3.36 -11.70
CA ARG C 27 0.91 3.33 -10.30
C ARG C 27 0.35 4.55 -9.57
N HIS C 28 0.59 5.73 -10.12
CA HIS C 28 0.12 6.96 -9.51
C HIS C 28 -0.04 8.09 -10.53
N VAL C 29 -0.83 9.08 -10.13
CA VAL C 29 -0.99 10.31 -10.89
C VAL C 29 -0.66 11.46 -9.94
N ALA C 30 -0.90 12.68 -10.40
CA ALA C 30 -0.66 13.86 -9.57
C ALA C 30 -1.28 13.71 -8.18
N PRO C 31 -0.51 14.02 -7.13
CA PRO C 31 -0.98 13.96 -5.75
C PRO C 31 -2.16 14.89 -5.47
N GLU C 32 -2.31 15.91 -6.30
CA GLU C 32 -3.39 16.87 -6.12
C GLU C 32 -4.75 16.23 -6.40
N LEU C 33 -4.75 15.22 -7.25
CA LEU C 33 -5.98 14.48 -7.53
C LEU C 33 -6.35 13.62 -6.35
N ARG C 34 -5.35 13.30 -5.54
CA ARG C 34 -5.50 12.57 -4.29
C ARG C 34 -6.24 11.24 -4.45
N CYS C 35 -5.74 10.39 -5.34
CA CYS C 35 -6.25 9.03 -5.43
C CYS C 35 -5.36 8.10 -4.61
N ARG C 36 -5.76 6.84 -4.50
CA ARG C 36 -4.91 5.85 -3.86
C ARG C 36 -4.07 5.17 -4.94
N PRO C 37 -2.84 4.77 -4.59
CA PRO C 37 -1.94 4.12 -5.55
C PRO C 37 -2.50 2.79 -6.04
N TYR C 38 -1.98 2.33 -7.17
CA TYR C 38 -2.27 0.98 -7.62
C TYR C 38 -1.00 0.13 -7.57
N VAL C 39 -1.07 -0.96 -6.84
CA VAL C 39 0.03 -1.92 -6.78
C VAL C 39 -0.38 -3.20 -7.48
N SER C 40 0.30 -3.55 -8.57
CA SER C 40 -0.08 -4.72 -9.34
C SER C 40 0.24 -5.99 -8.57
N THR C 41 -0.77 -6.83 -8.38
CA THR C 41 -0.59 -8.14 -7.78
C THR C 41 -0.35 -9.16 -8.88
N ASP C 42 -0.39 -10.44 -8.53
CA ASP C 42 -0.26 -11.49 -9.53
C ASP C 42 -1.57 -11.71 -10.30
N SER C 43 -2.64 -11.07 -9.82
CA SER C 43 -3.94 -11.17 -10.49
C SER C 43 -4.67 -9.84 -10.51
N ASN C 44 -5.12 -9.42 -11.69
CA ASN C 44 -5.90 -8.21 -11.82
C ASN C 44 -7.40 -8.52 -11.83
N ASP C 45 -7.74 -9.80 -11.76
CA ASP C 45 -9.12 -10.24 -11.69
C ASP C 45 -9.61 -10.14 -10.25
N TRP C 46 -8.72 -9.71 -9.37
CA TRP C 46 -9.03 -9.60 -7.95
C TRP C 46 -9.67 -8.26 -7.60
N LEU C 47 -9.72 -7.35 -8.57
CA LEU C 47 -10.60 -6.19 -8.47
C LEU C 47 -11.92 -6.56 -9.16
N ASN C 48 -11.87 -7.70 -9.84
CA ASN C 48 -12.99 -8.29 -10.59
C ASN C 48 -13.73 -7.38 -11.58
N GLU C 49 -15.02 -7.64 -11.70
CA GLU C 49 -15.94 -6.88 -12.54
C GLU C 49 -16.90 -5.95 -11.78
N HIS C 50 -16.73 -5.85 -10.45
CA HIS C 50 -17.75 -5.31 -9.55
C HIS C 50 -18.31 -3.96 -10.01
N PRO C 51 -19.59 -3.67 -9.65
CA PRO C 51 -20.44 -2.66 -10.30
C PRO C 51 -19.79 -1.32 -10.65
N GLY C 52 -18.78 -0.90 -9.89
CA GLY C 52 -18.01 0.28 -10.27
C GLY C 52 -17.55 0.18 -11.72
N MET C 53 -17.26 -1.04 -12.14
CA MET C 53 -16.85 -1.33 -13.51
C MET C 53 -18.02 -1.31 -14.48
N ALA C 54 -19.17 -1.80 -14.03
CA ALA C 54 -20.38 -1.88 -14.84
C ALA C 54 -20.86 -0.50 -15.28
N VAL C 55 -20.85 0.44 -14.33
CA VAL C 55 -21.20 1.82 -14.60
C VAL C 55 -20.35 2.37 -15.73
N MET C 56 -19.05 2.06 -15.68
CA MET C 56 -18.13 2.52 -16.70
C MET C 56 -18.35 1.80 -18.03
N ARG C 57 -18.90 0.59 -17.96
CA ARG C 57 -19.26 -0.13 -19.18
C ARG C 57 -20.46 0.53 -19.84
N GLU C 58 -21.37 1.06 -19.03
CA GLU C 58 -22.56 1.74 -19.57
C GLU C 58 -22.24 3.12 -20.14
N GLN C 59 -21.22 3.76 -19.59
CA GLN C 59 -20.82 5.09 -20.05
C GLN C 59 -19.89 5.04 -21.25
N GLY C 60 -19.61 3.82 -21.73
CA GLY C 60 -18.74 3.63 -22.87
C GLY C 60 -17.28 3.79 -22.52
N ILE C 61 -17.00 3.94 -21.23
CA ILE C 61 -15.64 4.09 -20.73
C ILE C 61 -14.87 2.79 -20.86
N VAL C 62 -15.55 1.68 -20.60
CA VAL C 62 -14.95 0.36 -20.73
C VAL C 62 -15.72 -0.48 -21.73
N VAL C 63 -15.01 -0.96 -22.76
CA VAL C 63 -15.59 -1.87 -23.74
C VAL C 63 -14.99 -3.25 -23.55
N ASN C 64 -15.86 -4.24 -23.35
CA ASN C 64 -15.44 -5.57 -22.89
C ASN C 64 -14.68 -5.41 -21.59
N ASP C 65 -13.48 -6.01 -21.53
CA ASP C 65 -12.59 -5.79 -20.39
C ASP C 65 -11.55 -4.71 -20.69
N ALA C 66 -11.67 -4.07 -21.85
CA ALA C 66 -10.72 -3.05 -22.28
C ALA C 66 -11.25 -1.63 -22.06
N VAL C 67 -10.35 -0.72 -21.71
CA VAL C 67 -10.70 0.69 -21.55
C VAL C 67 -10.84 1.37 -22.90
N ASN C 68 -11.76 2.34 -22.99
CA ASN C 68 -11.91 3.17 -24.18
C ASN C 68 -10.57 3.77 -24.60
N GLU C 69 -10.31 3.75 -25.90
CA GLU C 69 -8.99 4.08 -26.44
C GLU C 69 -8.54 5.51 -26.18
N GLN C 70 -9.41 6.48 -26.48
CA GLN C 70 -9.10 7.90 -26.26
C GLN C 70 -8.90 8.18 -24.78
N VAL C 71 -9.82 7.67 -23.96
CA VAL C 71 -9.73 7.78 -22.51
C VAL C 71 -8.42 7.17 -22.01
N ALA C 72 -8.09 5.99 -22.54
CA ALA C 72 -6.84 5.32 -22.19
C ALA C 72 -5.64 6.19 -22.53
N ALA C 73 -5.72 6.91 -23.65
CA ALA C 73 -4.65 7.82 -24.06
C ALA C 73 -4.51 8.99 -23.09
N ARG C 74 -5.63 9.59 -22.71
CA ARG C 74 -5.62 10.70 -21.77
C ARG C 74 -5.02 10.26 -20.42
N MET C 75 -5.46 9.09 -19.96
CA MET C 75 -4.94 8.51 -18.73
C MET C 75 -3.44 8.22 -18.87
N LYS C 76 -3.01 7.87 -20.08
CA LYS C 76 -1.59 7.69 -20.35
C LYS C 76 -0.87 9.00 -20.09
N VAL C 77 -1.45 10.09 -20.61
CA VAL C 77 -0.86 11.42 -20.42
C VAL C 77 -0.73 11.75 -18.94
N LEU C 78 -1.79 11.49 -18.17
CA LEU C 78 -1.75 11.74 -16.73
C LEU C 78 -0.71 10.87 -16.02
N ALA C 79 -0.53 9.66 -16.52
CA ALA C 79 0.33 8.68 -15.88
C ALA C 79 1.79 9.09 -15.89
N ALA C 80 2.26 9.54 -17.06
CA ALA C 80 3.66 9.96 -17.21
C ALA C 80 3.76 11.22 -18.05
N PRO C 81 3.42 12.37 -17.46
CA PRO C 81 3.51 13.64 -18.17
C PRO C 81 4.93 14.19 -18.24
N ASP C 82 5.22 14.97 -19.28
CA ASP C 82 6.46 15.73 -19.33
C ASP C 82 6.30 16.95 -18.45
N LEU C 83 5.11 17.54 -18.49
CA LEU C 83 4.84 18.76 -17.75
C LEU C 83 3.54 18.68 -16.97
N GLU C 84 3.54 19.22 -15.75
CA GLU C 84 2.31 19.33 -14.99
C GLU C 84 2.09 20.76 -14.54
N VAL C 85 0.83 21.21 -14.62
CA VAL C 85 0.46 22.54 -14.16
C VAL C 85 -0.76 22.42 -13.25
N VAL C 86 -0.59 22.80 -12.00
CA VAL C 86 -1.61 22.63 -10.98
C VAL C 86 -2.21 23.95 -10.53
N ALA C 87 -3.52 23.95 -10.33
CA ALA C 87 -4.23 25.07 -9.71
C ALA C 87 -5.13 24.57 -8.58
N LEU C 88 -4.93 25.06 -7.37
CA LEU C 88 -5.80 24.76 -6.24
C LEU C 88 -6.76 25.92 -6.01
N LEU C 89 -8.05 25.69 -6.19
CA LEU C 89 -9.02 26.75 -6.03
C LEU C 89 -9.92 26.51 -4.83
N SER C 90 -10.37 27.59 -4.21
CA SER C 90 -11.23 27.48 -3.05
C SER C 90 -12.18 28.65 -2.92
N ARG C 91 -13.38 28.34 -2.44
CA ARG C 91 -14.31 29.35 -1.95
C ARG C 91 -13.91 29.64 -0.50
N GLY C 92 -13.62 30.90 -0.20
CA GLY C 92 -13.11 31.25 1.11
C GLY C 92 -11.63 30.92 1.20
N LYS C 93 -11.15 30.74 2.43
CA LYS C 93 -9.73 30.45 2.65
C LYS C 93 -9.33 29.10 2.07
N LEU C 94 -8.23 29.09 1.34
CA LEU C 94 -7.70 27.84 0.78
C LEU C 94 -6.96 27.06 1.85
N LEU C 95 -7.42 25.85 2.12
CA LEU C 95 -6.87 25.03 3.19
C LEU C 95 -5.81 24.03 2.73
N TYR C 96 -5.48 24.06 1.44
CA TYR C 96 -4.46 23.19 0.86
C TYR C 96 -4.65 21.71 1.23
N GLY C 97 -5.88 21.24 1.12
CA GLY C 97 -6.17 19.84 1.31
C GLY C 97 -6.48 19.45 2.75
N VAL C 98 -6.28 20.37 3.68
CA VAL C 98 -6.47 20.04 5.08
C VAL C 98 -7.94 20.11 5.49
N ILE C 99 -8.44 18.99 5.97
CA ILE C 99 -9.77 18.93 6.56
C ILE C 99 -9.61 18.74 8.06
N ASP C 100 -10.06 19.71 8.85
CA ASP C 100 -9.82 19.57 10.27
C ASP C 100 -11.00 18.84 10.89
N ASP C 101 -10.77 17.57 11.16
CA ASP C 101 -11.76 16.69 11.75
C ASP C 101 -11.02 15.54 12.43
N GLU C 102 -11.55 15.07 13.55
CA GLU C 102 -10.89 13.99 14.28
C GLU C 102 -11.23 12.64 13.66
N ASN C 103 -12.32 12.61 12.90
CA ASN C 103 -12.81 11.37 12.33
C ASN C 103 -12.28 11.11 10.92
N GLN C 104 -11.48 12.06 10.42
CA GLN C 104 -10.78 11.85 9.16
C GLN C 104 -9.81 10.69 9.30
N PRO C 105 -9.94 9.69 8.43
CA PRO C 105 -9.08 8.50 8.50
C PRO C 105 -7.65 8.83 8.12
N PRO C 106 -6.69 8.00 8.54
CA PRO C 106 -5.30 8.21 8.08
C PRO C 106 -5.21 8.07 6.56
N GLY C 107 -4.49 8.99 5.91
CA GLY C 107 -4.35 8.96 4.47
C GLY C 107 -5.68 9.10 3.75
N SER C 108 -6.58 9.89 4.33
CA SER C 108 -7.89 10.15 3.74
C SER C 108 -7.74 10.73 2.34
N ARG C 109 -8.59 10.26 1.43
CA ARG C 109 -8.53 10.72 0.06
C ARG C 109 -9.54 11.86 -0.17
N ASP C 110 -10.22 12.24 0.90
CA ASP C 110 -11.15 13.37 0.84
C ASP C 110 -10.40 14.67 0.60
N ILE C 111 -11.10 15.65 0.04
CA ILE C 111 -10.59 17.01 -0.03
C ILE C 111 -11.63 17.93 0.61
N PRO C 112 -11.20 19.12 1.07
CA PRO C 112 -12.16 20.06 1.68
C PRO C 112 -13.30 20.42 0.74
N ASP C 113 -14.51 20.53 1.28
CA ASP C 113 -15.70 20.85 0.48
C ASP C 113 -15.58 22.16 -0.30
N ASN C 114 -14.84 23.11 0.26
CA ASN C 114 -14.72 24.43 -0.35
C ASN C 114 -13.68 24.45 -1.45
N GLU C 115 -13.04 23.30 -1.66
CA GLU C 115 -11.86 23.26 -2.51
C GLU C 115 -12.08 22.39 -3.74
N PHE C 116 -11.47 22.78 -4.85
CA PHE C 116 -11.31 21.86 -5.96
C PHE C 116 -10.02 22.14 -6.72
N ARG C 117 -9.41 21.08 -7.24
CA ARG C 117 -8.08 21.19 -7.82
C ARG C 117 -8.07 20.79 -9.29
N VAL C 118 -7.32 21.54 -10.09
CA VAL C 118 -7.21 21.28 -11.53
C VAL C 118 -5.78 20.94 -11.90
N VAL C 119 -5.61 19.80 -12.58
CA VAL C 119 -4.31 19.39 -13.07
C VAL C 119 -4.29 19.35 -14.59
N LEU C 120 -3.49 20.22 -15.18
CA LEU C 120 -3.24 20.18 -16.62
C LEU C 120 -1.94 19.44 -16.90
N ALA C 121 -2.04 18.28 -17.52
CA ALA C 121 -0.85 17.50 -17.82
C ALA C 121 -0.53 17.56 -19.31
N ARG C 122 0.74 17.73 -19.64
CA ARG C 122 1.18 17.65 -21.02
C ARG C 122 2.18 16.52 -21.21
N ARG C 123 1.82 15.60 -22.08
CA ARG C 123 2.72 14.53 -22.52
C ARG C 123 2.92 14.68 -24.02
N GLY C 124 4.16 14.88 -24.43
CA GLY C 124 4.45 15.20 -25.82
C GLY C 124 3.78 16.51 -26.15
N GLN C 125 2.96 16.52 -27.19
CA GLN C 125 2.21 17.70 -27.57
C GLN C 125 0.78 17.64 -27.04
N HIS C 126 0.45 16.58 -26.30
CA HIS C 126 -0.92 16.35 -25.85
C HIS C 126 -1.21 16.95 -24.48
N TRP C 127 -2.29 17.73 -24.41
CA TRP C 127 -2.74 18.34 -23.16
C TRP C 127 -4.04 17.71 -22.64
N VAL C 128 -4.02 17.29 -21.39
CA VAL C 128 -5.16 16.64 -20.76
C VAL C 128 -5.50 17.30 -19.43
N SER C 129 -6.79 17.57 -19.22
CA SER C 129 -7.24 18.15 -17.96
C SER C 129 -7.84 17.10 -17.04
N ALA C 130 -7.48 17.18 -15.76
CA ALA C 130 -8.11 16.37 -14.73
C ALA C 130 -8.56 17.26 -13.59
N VAL C 131 -9.87 17.36 -13.39
CA VAL C 131 -10.44 18.23 -12.37
C VAL C 131 -11.04 17.42 -11.23
N ARG C 132 -10.56 17.68 -10.03
CA ARG C 132 -11.05 17.03 -8.83
C ARG C 132 -11.95 17.98 -8.04
N VAL C 133 -13.25 17.69 -8.02
CA VAL C 133 -14.21 18.39 -7.18
C VAL C 133 -14.92 17.38 -6.30
N GLY C 134 -14.87 17.59 -4.98
CA GLY C 134 -15.46 16.63 -4.06
C GLY C 134 -14.83 15.27 -4.25
N ASN C 135 -15.68 14.26 -4.44
CA ASN C 135 -15.20 12.90 -4.69
C ASN C 135 -15.14 12.56 -6.18
N ASP C 136 -15.40 13.55 -7.02
CA ASP C 136 -15.44 13.34 -8.46
C ASP C 136 -14.20 13.85 -9.17
N ILE C 137 -13.76 13.06 -10.15
CA ILE C 137 -12.66 13.42 -11.03
C ILE C 137 -13.15 13.39 -12.47
N THR C 138 -13.00 14.52 -13.15
CA THR C 138 -13.37 14.64 -14.55
C THR C 138 -12.12 14.75 -15.41
N VAL C 139 -11.96 13.82 -16.34
CA VAL C 139 -10.83 13.84 -17.26
C VAL C 139 -11.32 14.18 -18.66
N ASP C 140 -10.59 15.06 -19.33
CA ASP C 140 -10.95 15.47 -20.69
C ASP C 140 -9.75 16.02 -21.44
N ASP C 141 -9.95 16.37 -22.70
CA ASP C 141 -8.94 17.07 -23.48
C ASP C 141 -9.06 18.56 -23.24
N VAL C 142 -7.92 19.22 -23.07
CA VAL C 142 -7.90 20.66 -22.89
C VAL C 142 -6.88 21.25 -23.86
N THR C 143 -7.20 22.42 -24.42
CA THR C 143 -6.29 23.06 -25.36
C THR C 143 -5.45 24.13 -24.67
N VAL C 144 -4.13 24.02 -24.82
CA VAL C 144 -3.20 24.96 -24.23
C VAL C 144 -2.12 25.34 -25.26
N SER C 145 -1.82 26.63 -25.33
CA SER C 145 -0.80 27.11 -26.25
C SER C 145 0.25 27.95 -25.52
N ASP C 146 -0.18 29.07 -24.96
CA ASP C 146 0.72 30.02 -24.32
C ASP C 146 0.34 30.25 -22.86
N SER C 147 1.23 30.88 -22.11
CA SER C 147 1.00 31.24 -20.72
C SER C 147 -0.36 31.91 -20.53
N ALA C 148 -0.72 32.77 -21.48
CA ALA C 148 -1.97 33.52 -21.43
C ALA C 148 -3.20 32.60 -21.42
N SER C 149 -3.16 31.52 -22.18
CA SER C 149 -4.28 30.59 -22.24
C SER C 149 -4.48 29.88 -20.90
N ILE C 150 -3.37 29.49 -20.28
CA ILE C 150 -3.40 28.90 -18.96
C ILE C 150 -3.98 29.88 -17.96
N ALA C 151 -3.51 31.12 -18.02
CA ALA C 151 -4.03 32.18 -17.17
C ALA C 151 -5.53 32.36 -17.37
N ALA C 152 -5.98 32.14 -18.61
CA ALA C 152 -7.40 32.25 -18.95
C ALA C 152 -8.20 31.15 -18.27
N LEU C 153 -7.71 29.92 -18.37
CA LEU C 153 -8.36 28.78 -17.71
C LEU C 153 -8.47 29.00 -16.21
N VAL C 154 -7.36 29.43 -15.60
CA VAL C 154 -7.33 29.72 -14.17
C VAL C 154 -8.35 30.78 -13.80
N MET C 155 -8.32 31.90 -14.52
CA MET C 155 -9.20 33.02 -14.25
C MET C 155 -10.67 32.64 -14.39
N ASP C 156 -10.98 31.79 -15.37
CA ASP C 156 -12.34 31.30 -15.54
C ASP C 156 -12.75 30.50 -14.31
N GLY C 157 -11.89 29.54 -13.94
CA GLY C 157 -12.15 28.71 -12.78
C GLY C 157 -12.38 29.49 -11.50
N LEU C 158 -11.58 30.54 -11.29
CA LEU C 158 -11.69 31.36 -10.09
C LEU C 158 -12.94 32.25 -10.13
N GLU C 159 -13.20 32.86 -11.28
CA GLU C 159 -14.33 33.76 -11.43
C GLU C 159 -15.65 32.99 -11.26
N SER C 160 -15.62 31.69 -11.57
CA SER C 160 -16.79 30.85 -11.38
C SER C 160 -17.09 30.65 -9.89
N ILE C 161 -16.05 30.61 -9.06
CA ILE C 161 -16.24 30.55 -7.61
C ILE C 161 -16.75 31.87 -7.06
N HIS C 162 -16.01 32.94 -7.33
CA HIS C 162 -16.35 34.26 -6.84
C HIS C 162 -15.89 35.31 -7.83
N HIS C 163 -16.73 36.33 -8.06
CA HIS C 163 -16.36 37.41 -8.95
C HIS C 163 -15.70 38.54 -8.18
N ALA C 164 -14.51 38.93 -8.62
CA ALA C 164 -13.80 40.02 -7.98
C ALA C 164 -13.09 40.89 -9.01
N ASP C 165 -13.07 42.19 -8.75
CA ASP C 165 -12.29 43.12 -9.55
C ASP C 165 -10.89 43.21 -8.97
N PRO C 166 -9.90 43.52 -9.82
CA PRO C 166 -8.51 43.67 -9.33
C PRO C 166 -8.42 44.70 -8.21
N ALA C 167 -7.68 44.37 -7.16
CA ALA C 167 -7.45 45.33 -6.08
C ALA C 167 -6.72 46.54 -6.62
N ALA C 168 -6.96 47.71 -6.02
CA ALA C 168 -6.26 48.88 -6.50
C ALA C 168 -5.09 49.17 -5.57
N ILE C 169 -3.91 48.83 -6.05
CA ILE C 169 -2.68 48.93 -5.28
C ILE C 169 -1.51 49.11 -6.23
N ASN C 170 -0.42 49.68 -5.73
CA ASN C 170 0.79 49.80 -6.54
C ASN C 170 1.59 48.51 -6.43
N ALA C 171 1.83 47.87 -7.57
CA ALA C 171 2.61 46.64 -7.61
C ALA C 171 4.00 46.91 -7.05
N VAL C 172 4.53 45.97 -6.27
CA VAL C 172 5.81 46.18 -5.62
C VAL C 172 6.59 44.87 -5.42
N ASN C 173 7.90 44.94 -5.52
CA ASN C 173 8.78 43.81 -5.23
C ASN C 173 9.41 43.96 -3.85
N VAL C 174 9.32 42.91 -3.05
CA VAL C 174 9.83 42.93 -1.68
C VAL C 174 10.68 41.69 -1.45
N PRO C 175 11.79 41.82 -0.70
CA PRO C 175 12.63 40.65 -0.40
C PRO C 175 11.85 39.49 0.23
N MET C 176 12.07 38.30 -0.29
CA MET C 176 11.27 37.11 0.02
C MET C 176 11.23 36.71 1.49
N GLU C 177 12.40 36.47 2.08
CA GLU C 177 12.44 35.95 3.45
C GLU C 177 12.03 36.99 4.48
N GLU C 178 12.36 38.26 4.21
CA GLU C 178 11.95 39.35 5.08
C GLU C 178 10.43 39.44 5.09
N MET C 179 9.86 39.28 3.90
CA MET C 179 8.42 39.29 3.74
C MET C 179 7.77 38.12 4.48
N LEU C 180 8.41 36.95 4.40
CA LEU C 180 7.93 35.76 5.10
C LEU C 180 7.91 35.96 6.61
N GLU C 181 9.00 36.52 7.14
CA GLU C 181 9.11 36.74 8.57
C GLU C 181 8.07 37.77 9.05
N ALA C 182 7.99 38.89 8.33
CA ALA C 182 7.05 39.95 8.67
C ALA C 182 5.61 39.44 8.61
N THR C 183 5.30 38.64 7.59
CA THR C 183 3.97 38.09 7.43
C THR C 183 3.67 37.07 8.51
N LYS C 184 4.70 36.34 8.94
CA LYS C 184 4.53 35.35 9.99
C LYS C 184 4.24 36.03 11.32
N SER C 185 4.84 37.19 11.55
CA SER C 185 4.56 37.95 12.76
C SER C 185 3.19 38.61 12.69
N TRP C 186 2.82 39.04 11.48
CA TRP C 186 1.55 39.71 11.24
C TRP C 186 0.38 38.74 11.40
N GLN C 187 0.65 37.47 11.10
CA GLN C 187 -0.34 36.41 11.17
C GLN C 187 -0.75 36.15 12.62
N GLU C 188 0.13 36.53 13.55
CA GLU C 188 -0.14 36.35 14.96
C GLU C 188 -1.22 37.32 15.44
N SER C 189 -1.31 38.47 14.78
CA SER C 189 -2.33 39.45 15.12
C SER C 189 -3.57 39.28 14.25
N GLY C 190 -3.57 38.25 13.41
CA GLY C 190 -4.68 38.01 12.50
C GLY C 190 -4.73 39.04 11.38
N PHE C 191 -3.57 39.53 10.98
CA PHE C 191 -3.43 40.49 9.89
C PHE C 191 -4.21 41.78 10.11
N ASN C 192 -4.20 42.25 11.36
CA ASN C 192 -4.79 43.54 11.67
C ASN C 192 -4.02 44.65 10.97
N VAL C 193 -4.73 45.59 10.36
CA VAL C 193 -4.09 46.66 9.60
C VAL C 193 -3.30 47.60 10.51
N PHE C 194 -3.60 47.57 11.81
CA PHE C 194 -2.88 48.35 12.79
C PHE C 194 -1.52 47.72 13.12
N SER C 195 -1.44 46.41 12.94
CA SER C 195 -0.21 45.66 13.24
C SER C 195 0.71 45.55 12.02
N GLY C 196 0.36 46.23 10.94
CA GLY C 196 1.10 46.14 9.69
C GLY C 196 2.25 47.13 9.55
N GLY C 197 2.73 47.66 10.67
CA GLY C 197 3.86 48.58 10.65
C GLY C 197 5.11 48.00 9.99
N ASP C 198 5.36 46.71 10.24
CA ASP C 198 6.56 46.05 9.70
C ASP C 198 6.57 46.04 8.18
N LEU C 199 5.41 45.75 7.59
CA LEU C 199 5.27 45.70 6.14
C LEU C 199 5.34 47.10 5.54
N ARG C 200 4.88 48.09 6.29
CA ARG C 200 4.97 49.48 5.85
C ARG C 200 6.43 49.95 5.87
N ARG C 201 7.21 49.41 6.79
CA ARG C 201 8.64 49.73 6.85
C ARG C 201 9.39 49.20 5.63
N MET C 202 8.91 48.08 5.08
CA MET C 202 9.54 47.47 3.91
C MET C 202 9.27 48.26 2.63
N GLY C 203 8.42 49.27 2.71
CA GLY C 203 8.13 50.11 1.56
C GLY C 203 6.88 49.69 0.81
N ILE C 204 6.02 48.92 1.47
CA ILE C 204 4.74 48.53 0.91
C ILE C 204 3.71 49.61 1.23
N SER C 205 2.88 49.97 0.25
CA SER C 205 1.92 51.07 0.44
C SER C 205 0.83 50.69 1.42
N ALA C 206 0.24 51.69 2.06
CA ALA C 206 -0.82 51.48 3.04
C ALA C 206 -2.01 50.75 2.44
N ALA C 207 -2.30 51.08 1.19
CA ALA C 207 -3.41 50.46 0.47
C ALA C 207 -3.11 48.99 0.22
N THR C 208 -1.85 48.70 -0.09
CA THR C 208 -1.42 47.34 -0.35
C THR C 208 -1.45 46.51 0.92
N VAL C 209 -1.00 47.12 2.02
CA VAL C 209 -1.02 46.44 3.31
C VAL C 209 -2.45 46.18 3.76
N ALA C 210 -3.36 47.10 3.43
CA ALA C 210 -4.77 46.94 3.78
C ALA C 210 -5.44 45.83 2.95
N ALA C 211 -5.25 45.89 1.63
CA ALA C 211 -5.86 44.92 0.73
C ALA C 211 -5.30 43.52 0.97
N LEU C 212 -4.00 43.45 1.24
CA LEU C 212 -3.35 42.17 1.54
C LEU C 212 -3.78 41.66 2.91
N GLY C 213 -3.93 42.58 3.86
CA GLY C 213 -4.37 42.23 5.19
C GLY C 213 -5.75 41.61 5.13
N GLN C 214 -6.62 42.21 4.35
CA GLN C 214 -7.98 41.69 4.18
C GLN C 214 -7.98 40.36 3.41
N ALA C 215 -7.13 40.27 2.38
CA ALA C 215 -7.07 39.07 1.56
C ALA C 215 -6.57 37.86 2.35
N LEU C 216 -5.64 38.11 3.27
CA LEU C 216 -5.11 37.05 4.12
C LEU C 216 -6.06 36.74 5.28
N SER C 217 -6.68 37.78 5.82
CA SER C 217 -7.57 37.62 6.97
C SER C 217 -8.87 36.91 6.63
N ASP C 218 -9.58 37.41 5.62
CA ASP C 218 -10.85 36.81 5.24
C ASP C 218 -11.05 36.82 3.72
N PRO C 219 -10.39 35.90 3.01
CA PRO C 219 -10.57 35.84 1.56
C PRO C 219 -11.92 35.26 1.15
N ALA C 220 -12.47 35.77 0.06
CA ALA C 220 -13.71 35.22 -0.51
C ALA C 220 -13.41 34.00 -1.36
N ALA C 221 -12.30 34.05 -2.09
CA ALA C 221 -11.84 32.92 -2.88
C ALA C 221 -10.31 32.97 -3.08
N GLU C 222 -9.68 31.80 -3.18
CA GLU C 222 -8.23 31.75 -3.37
C GLU C 222 -7.82 30.76 -4.47
N VAL C 223 -6.70 31.04 -5.12
CA VAL C 223 -6.11 30.12 -6.10
C VAL C 223 -4.58 30.02 -5.96
N ALA C 224 -4.06 28.80 -5.98
CA ALA C 224 -2.61 28.60 -5.99
C ALA C 224 -2.19 27.86 -7.27
N VAL C 225 -1.34 28.49 -8.08
CA VAL C 225 -0.91 27.90 -9.33
C VAL C 225 0.60 27.64 -9.33
N TYR C 226 0.98 26.40 -9.64
CA TYR C 226 2.40 26.02 -9.66
C TYR C 226 2.60 24.87 -10.64
N ALA C 227 3.85 24.60 -11.01
CA ALA C 227 4.10 23.56 -12.00
C ALA C 227 5.16 22.54 -11.56
N ARG C 228 5.18 21.40 -12.26
CA ARG C 228 6.17 20.36 -12.04
C ARG C 228 6.75 19.90 -13.37
N GLN C 229 8.04 19.58 -13.38
CA GLN C 229 8.70 19.08 -14.57
C GLN C 229 9.43 17.78 -14.28
N TYR C 230 9.37 16.85 -15.23
CA TYR C 230 9.98 15.53 -15.06
C TYR C 230 11.09 15.30 -16.07
N ARG C 231 12.22 14.78 -15.61
CA ARG C 231 13.26 14.34 -16.54
C ARG C 231 13.91 13.06 -16.04
N ASP C 232 13.93 12.04 -16.88
CA ASP C 232 14.46 10.73 -16.53
C ASP C 232 13.85 10.22 -15.23
N ASP C 233 14.70 9.91 -14.26
CA ASP C 233 14.26 9.39 -12.98
C ASP C 233 13.82 10.51 -12.03
N ALA C 234 14.24 11.73 -12.33
CA ALA C 234 14.05 12.84 -11.41
C ALA C 234 12.91 13.78 -11.82
N LYS C 235 12.65 14.75 -10.94
CA LYS C 235 11.60 15.72 -11.12
C LYS C 235 11.89 16.95 -10.28
N GLY C 236 11.27 18.08 -10.62
CA GLY C 236 11.34 19.24 -9.75
C GLY C 236 10.17 20.18 -9.91
N PRO C 237 9.84 20.90 -8.83
CA PRO C 237 8.75 21.88 -8.77
C PRO C 237 9.18 23.22 -9.35
N SER C 238 8.21 24.04 -9.77
CA SER C 238 8.51 25.42 -10.16
C SER C 238 8.94 26.17 -8.91
N ALA C 239 10.00 26.99 -9.05
CA ALA C 239 10.53 27.72 -7.91
C ALA C 239 9.54 28.77 -7.42
N SER C 240 8.64 29.19 -8.30
CA SER C 240 7.66 30.22 -7.98
C SER C 240 6.23 29.67 -7.92
N VAL C 241 5.41 30.28 -7.08
CA VAL C 241 3.99 29.95 -7.00
C VAL C 241 3.14 31.21 -7.13
N LEU C 242 2.16 31.18 -8.03
CA LEU C 242 1.25 32.30 -8.18
C LEU C 242 0.04 32.13 -7.26
N SER C 243 -0.20 33.11 -6.39
CA SER C 243 -1.34 33.02 -5.49
C SER C 243 -2.30 34.18 -5.69
N LEU C 244 -3.51 33.86 -6.10
CA LEU C 244 -4.57 34.85 -6.18
C LEU C 244 -5.42 34.79 -4.92
N LYS C 245 -5.73 35.95 -4.35
CA LYS C 245 -6.56 36.02 -3.16
C LYS C 245 -7.59 37.15 -3.27
N ASP C 246 -8.87 36.83 -3.12
CA ASP C 246 -9.93 37.84 -3.21
C ASP C 246 -10.27 38.38 -1.83
N GLY C 247 -9.89 39.63 -1.58
CA GLY C 247 -10.22 40.28 -0.33
C GLY C 247 -11.32 41.30 -0.56
N SER C 248 -11.79 41.91 0.52
CA SER C 248 -12.87 42.91 0.41
C SER C 248 -12.35 44.15 -0.31
N GLY C 249 -11.04 44.29 -0.38
CA GLY C 249 -10.41 45.38 -1.10
C GLY C 249 -9.95 44.96 -2.48
N GLY C 250 -10.46 43.84 -2.96
CA GLY C 250 -10.14 43.37 -4.29
C GLY C 250 -9.20 42.18 -4.33
N ARG C 251 -8.88 41.73 -5.54
CA ARG C 251 -8.07 40.55 -5.74
C ARG C 251 -6.58 40.88 -5.86
N ILE C 252 -5.74 40.08 -5.21
CA ILE C 252 -4.31 40.29 -5.19
C ILE C 252 -3.56 39.09 -5.76
N ALA C 253 -2.49 39.36 -6.51
CA ALA C 253 -1.62 38.32 -7.04
C ALA C 253 -0.25 38.36 -6.37
N LEU C 254 0.20 37.21 -5.87
CA LEU C 254 1.50 37.10 -5.22
C LEU C 254 2.37 36.06 -5.91
N TYR C 255 3.50 36.48 -6.47
CA TYR C 255 4.38 35.49 -7.12
C TYR C 255 5.83 35.93 -7.06
N GLN C 256 6.76 35.00 -6.90
CA GLN C 256 8.17 35.39 -6.86
C GLN C 256 8.75 35.56 -8.25
N GLN C 257 9.63 36.55 -8.40
CA GLN C 257 10.40 36.72 -9.61
C GLN C 257 11.56 35.73 -9.61
N ALA C 258 11.88 35.19 -10.78
CA ALA C 258 12.96 34.20 -10.89
C ALA C 258 14.31 34.79 -10.49
N ARG C 259 15.15 33.97 -9.88
CA ARG C 259 16.45 34.42 -9.41
C ARG C 259 17.44 34.66 -10.54
N THR C 260 18.47 35.46 -10.26
CA THR C 260 19.54 35.72 -11.22
C THR C 260 20.34 34.44 -11.47
N ALA C 261 21.08 34.41 -12.57
CA ALA C 261 21.95 33.27 -12.88
C ALA C 261 22.94 33.05 -11.74
N GLY C 262 23.39 34.14 -11.12
CA GLY C 262 24.26 34.07 -9.96
C GLY C 262 23.44 33.99 -8.68
N SER C 263 22.14 34.15 -8.81
CA SER C 263 21.19 34.04 -7.69
C SER C 263 21.52 35.02 -6.57
N GLY C 264 21.56 34.49 -5.34
CA GLY C 264 21.89 35.27 -4.18
C GLY C 264 20.68 35.66 -3.35
N GLU C 265 19.51 35.71 -3.98
CA GLU C 265 18.26 36.07 -3.30
C GLU C 265 17.05 36.00 -4.22
N ALA C 266 15.87 35.92 -3.62
CA ALA C 266 14.61 35.89 -4.36
C ALA C 266 13.70 37.06 -3.99
N TRP C 267 12.89 37.48 -4.95
CA TRP C 267 11.97 38.61 -4.75
C TRP C 267 10.53 38.15 -4.82
N LEU C 268 9.70 38.69 -3.94
CA LEU C 268 8.26 38.45 -3.99
C LEU C 268 7.53 39.64 -4.60
N ALA C 269 6.75 39.37 -5.62
CA ALA C 269 5.96 40.39 -6.29
C ALA C 269 4.53 40.39 -5.76
N ILE C 270 4.15 41.55 -5.22
CA ILE C 270 2.81 41.82 -4.74
C ILE C 270 2.12 42.73 -5.74
N CYS C 271 1.11 42.21 -6.42
CA CYS C 271 0.52 42.91 -7.56
C CYS C 271 -1.00 42.91 -7.51
N PRO C 272 -1.62 43.85 -8.25
CA PRO C 272 -3.05 43.74 -8.55
C PRO C 272 -3.31 42.53 -9.44
N ALA C 273 -4.56 42.11 -9.53
CA ALA C 273 -4.94 40.90 -10.26
C ALA C 273 -5.19 41.20 -11.74
N THR C 274 -4.84 42.40 -12.16
CA THR C 274 -4.96 42.82 -13.56
C THR C 274 -4.37 41.76 -14.49
N PRO C 275 -5.12 41.41 -15.54
CA PRO C 275 -4.81 40.30 -16.46
C PRO C 275 -3.37 40.30 -16.98
N GLN C 276 -2.82 41.48 -17.22
CA GLN C 276 -1.43 41.60 -17.69
C GLN C 276 -0.47 41.00 -16.66
N LEU C 277 -0.63 41.43 -15.41
CA LEU C 277 0.22 40.96 -14.32
C LEU C 277 0.01 39.48 -14.01
N VAL C 278 -1.18 38.98 -14.32
CA VAL C 278 -1.48 37.56 -14.12
C VAL C 278 -0.80 36.72 -15.20
N GLN C 279 -0.83 37.21 -16.45
CA GLN C 279 -0.06 36.60 -17.53
C GLN C 279 1.41 36.56 -17.14
N VAL C 280 1.89 37.66 -16.56
CA VAL C 280 3.27 37.73 -16.09
C VAL C 280 3.54 36.68 -15.02
N GLY C 281 2.62 36.54 -14.07
CA GLY C 281 2.76 35.58 -12.99
C GLY C 281 2.82 34.14 -13.47
N VAL C 282 1.89 33.78 -14.35
CA VAL C 282 1.87 32.45 -14.96
C VAL C 282 3.17 32.20 -15.72
N LYS C 283 3.59 33.20 -16.50
CA LYS C 283 4.81 33.09 -17.29
C LYS C 283 6.03 32.85 -16.41
N THR C 284 6.11 33.55 -15.27
CA THR C 284 7.23 33.38 -14.36
C THR C 284 7.20 32.01 -13.69
N VAL C 285 6.00 31.56 -13.33
CA VAL C 285 5.84 30.22 -12.77
C VAL C 285 6.36 29.16 -13.75
N LEU C 286 5.97 29.29 -15.01
CA LEU C 286 6.43 28.35 -16.04
C LEU C 286 7.92 28.47 -16.32
N ASP C 287 8.47 29.67 -16.09
CA ASP C 287 9.89 29.90 -16.36
C ASP C 287 10.79 29.57 -15.17
N THR C 288 10.19 29.23 -14.02
CA THR C 288 10.98 28.83 -12.86
C THR C 288 11.15 27.31 -12.77
N LEU C 289 10.65 26.60 -13.78
CA LEU C 289 10.82 25.15 -13.86
C LEU C 289 12.30 24.76 -14.03
N PRO C 290 12.70 23.62 -13.44
CA PRO C 290 14.10 23.18 -13.40
C PRO C 290 14.72 22.78 -14.75
N TYR C 291 13.96 22.15 -15.64
CA TYR C 291 14.54 21.65 -16.88
C TYR C 291 14.05 22.36 -18.13
N GLY C 292 14.90 23.19 -18.73
CA GLY C 292 14.62 23.78 -20.02
C GLY C 292 13.35 24.61 -20.08
N GLU C 293 12.91 24.93 -21.29
CA GLU C 293 11.66 25.64 -21.49
C GLU C 293 10.49 24.67 -21.38
N TRP C 294 9.42 25.14 -20.76
CA TRP C 294 8.27 24.31 -20.43
C TRP C 294 7.55 23.73 -21.64
N LYS C 295 7.33 24.56 -22.65
CA LYS C 295 6.46 24.21 -23.77
C LYS C 295 6.96 23.01 -24.56
N THR C 296 8.24 23.00 -24.90
CA THR C 296 8.80 21.97 -25.77
C THR C 296 9.51 20.82 -25.04
N HIS C 297 9.57 20.87 -23.72
CA HIS C 297 10.39 19.91 -22.98
C HIS C 297 9.80 18.49 -22.95
N SER C 298 10.68 17.50 -22.85
CA SER C 298 10.29 16.11 -22.71
C SER C 298 11.24 15.40 -21.74
N ARG C 299 10.71 14.42 -21.00
CA ARG C 299 11.48 13.78 -19.94
C ARG C 299 12.54 12.80 -20.45
N VAL C 300 12.53 12.54 -21.75
CA VAL C 300 13.53 11.65 -22.36
C VAL C 300 14.71 12.42 -22.90
N SER C 301 15.90 12.16 -22.36
CA SER C 301 17.12 12.84 -22.78
C SER C 301 17.71 12.25 -24.06
N SER C 302 17.72 10.92 -24.15
CA SER C 302 18.29 10.24 -25.30
C SER C 302 17.46 9.03 -25.70
C1 EDO D . -0.63 -38.51 5.40
O1 EDO D . -1.19 -37.27 5.81
C2 EDO D . -0.62 -38.56 3.87
O2 EDO D . -0.26 -39.88 3.45
#